data_7HJK
#
_entry.id   7HJK
#
_cell.length_a   26.087
_cell.length_b   47.108
_cell.length_c   46.606
_cell.angle_alpha   90.000
_cell.angle_beta   103.190
_cell.angle_gamma   90.000
#
_symmetry.space_group_name_H-M   'P 1 21 1'
#
loop_
_entity.id
_entity.type
_entity.pdbx_description
1 polymer 'De novo designed ABLE protein'
2 non-polymer (4-fluorophenyl)(pyridin-4-yl)methanone
3 water water
#
_entity_poly.entity_id   1
_entity_poly.type   'polypeptide(L)'
_entity_poly.pdbx_seq_one_letter_code
;SVKSEYAEAAAVGQEAVAVFNTMKAAFQNGDKEAVAQYLARLASLYTRHEELLNRILEKARREGNKEAVTLMNEFTATFQ
TGKSIFNAMVAAFKNGDDDSFESYLQALEKVTAKGETLADQIAKAL
;
_entity_poly.pdbx_strand_id   A
#
# COMPACT_ATOMS: atom_id res chain seq x y z
N SER A 1 13.02 -17.39 -5.33
N SER A 1 13.19 -17.29 -5.50
CA SER A 1 13.98 -16.69 -4.44
CA SER A 1 14.01 -16.72 -4.41
C SER A 1 13.26 -15.57 -3.72
C SER A 1 13.27 -15.59 -3.70
N VAL A 2 13.89 -15.06 -2.65
CA VAL A 2 13.29 -13.95 -1.93
C VAL A 2 13.21 -12.73 -2.86
N LYS A 3 14.15 -12.62 -3.81
N LYS A 3 14.13 -12.63 -3.82
CA LYS A 3 14.11 -11.49 -4.73
CA LYS A 3 14.11 -11.49 -4.73
C LYS A 3 12.88 -11.57 -5.63
C LYS A 3 12.92 -11.56 -5.68
N SER A 4 12.55 -12.77 -6.12
CA SER A 4 11.35 -12.90 -6.97
C SER A 4 10.07 -12.75 -6.15
N GLU A 5 10.09 -13.17 -4.90
CA GLU A 5 8.96 -12.91 -4.04
C GLU A 5 8.80 -11.41 -3.80
N TYR A 6 9.90 -10.66 -3.74
CA TYR A 6 9.77 -9.20 -3.57
C TYR A 6 9.21 -8.56 -4.84
N ALA A 7 9.56 -9.06 -6.02
CA ALA A 7 8.99 -8.50 -7.25
C ALA A 7 7.49 -8.78 -7.34
N GLU A 8 7.07 -9.95 -6.87
N GLU A 8 7.07 -9.95 -6.88
CA GLU A 8 5.65 -10.26 -6.78
CA GLU A 8 5.64 -10.24 -6.80
C GLU A 8 4.95 -9.32 -5.81
C GLU A 8 4.95 -9.30 -5.81
N ALA A 9 5.60 -9.03 -4.67
CA ALA A 9 5.05 -8.09 -3.72
C ALA A 9 5.02 -6.68 -4.29
N ALA A 10 6.06 -6.30 -5.05
CA ALA A 10 6.06 -4.97 -5.67
C ALA A 10 4.90 -4.82 -6.65
N ALA A 11 4.57 -5.87 -7.39
N ALA A 11 4.62 -5.85 -7.44
CA ALA A 11 3.44 -5.77 -8.32
CA ALA A 11 3.55 -5.75 -8.42
C ALA A 11 2.14 -5.53 -7.57
C ALA A 11 2.20 -5.61 -7.76
N VAL A 12 1.94 -6.24 -6.45
N VAL A 12 1.99 -6.29 -6.63
CA VAL A 12 0.72 -6.03 -5.66
CA VAL A 12 0.77 -6.14 -5.86
C VAL A 12 0.67 -4.59 -5.16
C VAL A 12 0.66 -4.72 -5.32
N GLY A 13 1.79 -4.07 -4.64
N GLY A 13 1.78 -4.01 -5.15
CA GLY A 13 1.85 -2.66 -4.31
CA GLY A 13 1.76 -2.65 -4.68
C GLY A 13 1.38 -1.77 -5.45
C GLY A 13 1.54 -1.60 -5.77
N GLN A 14 1.85 -2.06 -6.67
N GLN A 14 2.05 -1.85 -6.97
CA GLN A 14 1.47 -1.25 -7.83
CA GLN A 14 1.78 -0.93 -8.07
C GLN A 14 0.00 -1.43 -8.19
C GLN A 14 0.33 -0.98 -8.51
N GLU A 15 -0.58 -2.60 -7.93
N GLU A 15 -0.32 -2.13 -8.33
CA GLU A 15 -2.01 -2.78 -8.15
CA GLU A 15 -1.76 -2.20 -8.52
C GLU A 15 -2.81 -1.88 -7.22
C GLU A 15 -2.48 -1.25 -7.58
N ALA A 16 -2.39 -1.77 -5.97
N ALA A 16 -2.03 -1.20 -6.32
CA ALA A 16 -3.07 -0.87 -5.06
CA ALA A 16 -2.66 -0.30 -5.36
C ALA A 16 -2.88 0.57 -5.51
C ALA A 16 -2.62 1.15 -5.83
N VAL A 17 -1.70 0.93 -6.02
N VAL A 17 -1.51 1.55 -6.44
CA VAL A 17 -1.53 2.29 -6.53
CA VAL A 17 -1.42 2.92 -6.98
C VAL A 17 -2.55 2.58 -7.61
C VAL A 17 -2.46 3.12 -8.08
N ALA A 18 -2.73 1.64 -8.54
N ALA A 18 -2.61 2.16 -8.97
CA ALA A 18 -3.70 1.84 -9.61
CA ALA A 18 -3.56 2.31 -10.07
C ALA A 18 -5.11 2.01 -9.09
C ALA A 18 -4.98 2.40 -9.57
N VAL A 19 -5.56 1.09 -8.22
N VAL A 19 -5.35 1.52 -8.64
CA VAL A 19 -6.90 1.18 -7.68
CA VAL A 19 -6.71 1.52 -8.12
C VAL A 19 -7.09 2.45 -6.87
C VAL A 19 -6.96 2.75 -7.25
N PHE A 20 -6.05 2.87 -6.15
N PHE A 20 -5.98 3.12 -6.43
CA PHE A 20 -6.13 4.10 -5.36
CA PHE A 20 -6.13 4.30 -5.59
C PHE A 20 -6.39 5.30 -6.26
C PHE A 20 -6.37 5.55 -6.42
N ASN A 21 -5.68 5.40 -7.38
N ASN A 21 -5.70 5.65 -7.57
CA ASN A 21 -5.89 6.57 -8.23
CA ASN A 21 -5.92 6.82 -8.41
C ASN A 21 -7.27 6.55 -8.89
C ASN A 21 -7.28 6.80 -9.08
N THR A 22 -7.76 5.38 -9.28
N THR A 22 -7.83 5.62 -9.36
CA THR A 22 -9.15 5.28 -9.73
CA THR A 22 -9.20 5.55 -9.88
C THR A 22 -10.12 5.72 -8.64
C THR A 22 -10.23 5.80 -8.80
N MET A 23 -9.83 5.33 -7.39
N MET A 23 -9.96 5.38 -7.57
CA MET A 23 -10.69 5.67 -6.27
CA MET A 23 -10.83 5.71 -6.46
C MET A 23 -10.71 7.18 -6.01
C MET A 23 -10.82 7.21 -6.18
N LYS A 24 -9.55 7.84 -6.13
N LYS A 24 -9.63 7.82 -6.17
CA LYS A 24 -9.48 9.29 -5.96
CA LYS A 24 -9.50 9.25 -5.96
C LYS A 24 -10.37 9.99 -6.98
C LYS A 24 -10.29 10.04 -7.00
N ALA A 25 -10.29 9.56 -8.25
CA ALA A 25 -11.14 10.14 -9.29
C ALA A 25 -12.62 9.97 -8.94
N ALA A 26 -13.00 8.79 -8.47
CA ALA A 26 -14.39 8.52 -8.13
C ALA A 26 -14.85 9.41 -6.97
N PHE A 27 -14.02 9.55 -5.93
CA PHE A 27 -14.31 10.43 -4.82
C PHE A 27 -14.55 11.85 -5.32
N GLN A 28 -13.65 12.34 -6.16
CA GLN A 28 -13.80 13.71 -6.63
C GLN A 28 -15.11 13.86 -7.38
N ASN A 29 -15.49 12.85 -8.16
CA ASN A 29 -16.72 12.90 -8.94
C ASN A 29 -17.98 12.63 -8.13
N GLY A 30 -17.85 12.25 -6.86
CA GLY A 30 -18.99 11.96 -6.03
C GLY A 30 -19.66 10.63 -6.28
N ASP A 31 -18.95 9.67 -6.91
CA ASP A 31 -19.46 8.33 -7.21
C ASP A 31 -19.16 7.46 -6.00
N LYS A 32 -19.98 7.60 -4.96
N LYS A 32 -20.02 7.57 -4.98
CA LYS A 32 -19.70 6.98 -3.69
CA LYS A 32 -19.76 6.91 -3.71
C LYS A 32 -19.82 5.46 -3.77
C LYS A 32 -19.89 5.40 -3.81
N GLU A 33 -20.70 4.97 -4.63
N GLU A 33 -20.76 4.91 -4.70
CA GLU A 33 -20.82 3.52 -4.82
CA GLU A 33 -20.87 3.47 -4.89
C GLU A 33 -19.52 2.92 -5.33
C GLU A 33 -19.56 2.88 -5.39
N ALA A 34 -18.88 3.58 -6.31
CA ALA A 34 -17.60 3.13 -6.79
C ALA A 34 -16.56 3.21 -5.69
N VAL A 35 -16.54 4.34 -4.97
CA VAL A 35 -15.55 4.49 -3.90
C VAL A 35 -15.63 3.33 -2.91
N ALA A 36 -16.85 2.96 -2.50
CA ALA A 36 -16.98 1.87 -1.54
C ALA A 36 -16.35 0.58 -2.06
N GLN A 37 -16.62 0.26 -3.32
CA GLN A 37 -16.02 -0.94 -3.91
C GLN A 37 -14.50 -0.83 -3.99
N TYR A 38 -13.98 0.31 -4.44
CA TYR A 38 -12.53 0.47 -4.51
C TYR A 38 -11.88 0.36 -3.14
N LEU A 39 -12.53 0.92 -2.10
CA LEU A 39 -11.97 0.80 -0.75
C LEU A 39 -11.91 -0.66 -0.29
N ALA A 40 -12.93 -1.45 -0.62
CA ALA A 40 -12.87 -2.87 -0.30
C ALA A 40 -11.73 -3.54 -1.06
N ARG A 41 -11.56 -3.20 -2.34
N ARG A 41 -11.55 -3.19 -2.34
CA ARG A 41 -10.48 -3.77 -3.13
CA ARG A 41 -10.49 -3.80 -3.14
C ARG A 41 -9.12 -3.41 -2.56
C ARG A 41 -9.11 -3.39 -2.65
N LEU A 42 -8.96 -2.16 -2.12
N LEU A 42 -8.92 -2.10 -2.37
CA LEU A 42 -7.71 -1.73 -1.50
CA LEU A 42 -7.63 -1.62 -1.88
C LEU A 42 -7.46 -2.47 -0.18
C LEU A 42 -7.26 -2.28 -0.55
N ALA A 43 -8.51 -2.70 0.60
N ALA A 43 -8.25 -2.46 0.33
N ALA A 43 -8.47 -2.57 0.59
CA ALA A 43 -8.32 -3.42 1.86
CA ALA A 43 -7.97 -3.10 1.62
CA ALA A 43 -8.00 -3.23 1.80
C ALA A 43 -7.74 -4.81 1.62
C ALA A 43 -7.49 -4.53 1.44
C ALA A 43 -7.46 -4.63 1.50
N SER A 44 -8.24 -5.50 0.59
N SER A 44 -8.00 -5.24 0.44
N SER A 44 -8.08 -5.31 0.54
CA SER A 44 -7.71 -6.83 0.29
CA SER A 44 -7.53 -6.59 0.18
CA SER A 44 -7.68 -6.68 0.23
C SER A 44 -6.28 -6.74 -0.23
C SER A 44 -6.09 -6.60 -0.30
C SER A 44 -6.27 -6.74 -0.31
N LEU A 45 -6.01 -5.73 -1.06
N LEU A 45 -5.70 -5.60 -1.09
N LEU A 45 -5.96 -5.88 -1.29
CA LEU A 45 -4.68 -5.57 -1.63
CA LEU A 45 -4.33 -5.49 -1.55
CA LEU A 45 -4.63 -5.91 -1.91
C LEU A 45 -3.65 -5.25 -0.55
C LEU A 45 -3.39 -5.06 -0.43
C LEU A 45 -3.56 -5.48 -0.92
N TYR A 46 -3.97 -4.33 0.35
N TYR A 46 -3.92 -4.33 0.56
N TYR A 46 -3.86 -4.52 -0.04
CA TYR A 46 -3.03 -4.02 1.43
CA TYR A 46 -3.13 -4.04 1.75
CA TYR A 46 -2.90 -4.10 0.96
C TYR A 46 -2.83 -5.20 2.37
C TYR A 46 -2.80 -5.31 2.51
C TYR A 46 -2.64 -5.21 1.99
N THR A 47 -3.91 -5.93 2.69
N THR A 47 -3.79 -6.20 2.68
N THR A 47 -3.65 -6.04 2.27
CA THR A 47 -3.75 -7.13 3.51
CA THR A 47 -3.56 -7.45 3.41
CA THR A 47 -3.47 -7.17 3.18
C THR A 47 -2.80 -8.12 2.84
C THR A 47 -2.62 -8.37 2.65
C THR A 47 -2.63 -8.25 2.52
N ARG A 48 -2.93 -8.32 1.52
N ARG A 48 -2.81 -8.50 1.34
CA ARG A 48 -2.05 -9.25 0.81
CA ARG A 48 -1.95 -9.35 0.54
C ARG A 48 -0.61 -8.71 0.77
C ARG A 48 -0.49 -8.90 0.66
N HIS A 49 -0.45 -7.43 0.48
N HIS A 49 -0.24 -7.60 0.39
CA HIS A 49 0.89 -6.84 0.44
CA HIS A 49 1.13 -7.09 0.48
C HIS A 49 1.60 -7.00 1.78
C HIS A 49 1.66 -7.19 1.89
N GLU A 50 0.91 -6.66 2.87
N GLU A 50 0.80 -7.00 2.90
CA GLU A 50 1.49 -6.78 4.21
CA GLU A 50 1.24 -7.10 4.29
C GLU A 50 1.99 -8.19 4.49
C GLU A 50 1.75 -8.51 4.59
N GLU A 51 1.22 -9.19 4.03
N GLU A 51 0.95 -9.52 4.24
CA GLU A 51 1.61 -10.58 4.30
CA GLU A 51 1.38 -10.90 4.50
C GLU A 51 2.86 -10.96 3.53
C GLU A 51 2.61 -11.25 3.68
N LEU A 52 2.95 -10.57 2.25
N LEU A 52 2.71 -10.74 2.45
CA LEU A 52 4.14 -10.86 1.43
CA LEU A 52 3.91 -11.00 1.65
C LEU A 52 5.39 -10.19 1.99
C LEU A 52 5.12 -10.32 2.27
N LEU A 53 5.25 -8.94 2.45
N LEU A 53 4.96 -9.08 2.73
CA LEU A 53 6.38 -8.22 3.04
CA LEU A 53 6.08 -8.34 3.29
C LEU A 53 6.86 -8.91 4.30
C LEU A 53 6.59 -8.97 4.58
N ASN A 54 5.94 -9.43 5.12
N ASN A 54 5.68 -9.56 5.37
CA ASN A 54 6.35 -10.11 6.34
CA ASN A 54 6.13 -10.28 6.56
C ASN A 54 7.11 -11.39 6.03
C ASN A 54 6.94 -11.51 6.20
N ARG A 55 6.61 -12.17 5.09
CA ARG A 55 7.31 -13.38 4.69
C ARG A 55 8.71 -13.05 4.15
N ILE A 56 8.84 -11.94 3.42
CA ILE A 56 10.14 -11.53 2.89
C ILE A 56 11.07 -11.16 4.03
N LEU A 57 10.57 -10.38 4.99
CA LEU A 57 11.39 -9.98 6.12
C LEU A 57 11.82 -11.20 6.92
N GLU A 58 10.89 -12.10 7.19
CA GLU A 58 11.25 -13.32 7.94
C GLU A 58 12.32 -14.14 7.21
N LYS A 59 12.22 -14.24 5.88
CA LYS A 59 13.20 -14.98 5.10
C LYS A 59 14.57 -14.31 5.15
N ALA A 60 14.59 -12.99 4.93
CA ALA A 60 15.85 -12.27 5.03
C ALA A 60 16.50 -12.48 6.40
N ARG A 61 15.69 -12.53 7.47
CA ARG A 61 16.23 -12.80 8.80
C ARG A 61 16.84 -14.20 8.88
N ARG A 62 16.13 -15.20 8.37
CA ARG A 62 16.64 -16.58 8.41
C ARG A 62 17.90 -16.72 7.56
N GLU A 63 18.02 -15.93 6.48
CA GLU A 63 19.20 -15.92 5.63
C GLU A 63 20.37 -15.15 6.23
N GLY A 64 20.16 -14.39 7.30
CA GLY A 64 21.22 -13.57 7.87
C GLY A 64 21.59 -12.34 7.05
N ASN A 65 20.67 -11.84 6.24
CA ASN A 65 20.95 -10.74 5.30
C ASN A 65 20.70 -9.44 6.06
N LYS A 66 21.71 -9.05 6.84
CA LYS A 66 21.52 -7.96 7.80
C LYS A 66 21.06 -6.68 7.13
N GLU A 67 21.66 -6.31 5.99
CA GLU A 67 21.23 -5.07 5.37
C GLU A 67 19.79 -5.15 4.88
N ALA A 68 19.40 -6.28 4.28
CA ALA A 68 18.02 -6.39 3.83
C ALA A 68 17.06 -6.34 5.01
N VAL A 69 17.43 -6.93 6.14
CA VAL A 69 16.57 -6.89 7.33
C VAL A 69 16.39 -5.45 7.81
N THR A 70 17.49 -4.69 7.90
CA THR A 70 17.39 -3.29 8.31
C THR A 70 16.41 -2.53 7.42
N LEU A 71 16.60 -2.63 6.10
CA LEU A 71 15.76 -1.90 5.16
C LEU A 71 14.31 -2.36 5.27
N MET A 72 14.08 -3.66 5.42
CA MET A 72 12.73 -4.17 5.51
C MET A 72 12.06 -3.79 6.84
N ASN A 73 12.81 -3.74 7.95
CA ASN A 73 12.23 -3.22 9.18
C ASN A 73 11.79 -1.76 9.01
N GLU A 74 12.63 -0.94 8.37
CA GLU A 74 12.24 0.44 8.12
C GLU A 74 11.02 0.51 7.20
N PHE A 75 11.01 -0.29 6.15
CA PHE A 75 9.94 -0.21 5.17
C PHE A 75 8.63 -0.72 5.76
N THR A 76 8.68 -1.79 6.53
CA THR A 76 7.44 -2.30 7.13
C THR A 76 6.87 -1.31 8.15
N ALA A 77 7.73 -0.59 8.86
CA ALA A 77 7.22 0.44 9.75
C ALA A 77 6.46 1.51 8.97
N THR A 78 7.03 2.00 7.87
CA THR A 78 6.35 3.00 7.05
C THR A 78 5.05 2.44 6.46
N PHE A 79 5.05 1.17 6.06
CA PHE A 79 3.83 0.52 5.58
C PHE A 79 2.71 0.62 6.62
N GLN A 80 3.03 0.43 7.90
CA GLN A 80 2.02 0.53 8.95
C GLN A 80 1.51 1.97 9.11
N THR A 81 2.36 2.99 8.88
CA THR A 81 1.85 4.37 8.86
C THR A 81 0.79 4.53 7.79
N GLY A 82 1.07 4.03 6.60
CA GLY A 82 0.09 4.05 5.53
C GLY A 82 -1.17 3.30 5.90
N LYS A 83 -1.02 2.13 6.51
N LYS A 83 -1.03 2.13 6.52
CA LYS A 83 -2.19 1.34 6.90
CA LYS A 83 -2.18 1.34 6.91
C LYS A 83 -3.07 2.09 7.90
C LYS A 83 -3.08 2.10 7.89
N SER A 84 -2.47 2.73 8.90
CA SER A 84 -3.27 3.49 9.86
C SER A 84 -3.99 4.65 9.18
N ILE A 85 -3.30 5.36 8.29
CA ILE A 85 -3.96 6.46 7.60
C ILE A 85 -5.08 5.93 6.69
N PHE A 86 -4.81 4.83 5.98
CA PHE A 86 -5.85 4.20 5.17
C PHE A 86 -7.09 3.88 6.00
N ASN A 87 -6.88 3.20 7.13
CA ASN A 87 -8.01 2.84 7.96
C ASN A 87 -8.78 4.08 8.42
N ALA A 88 -8.07 5.16 8.74
CA ALA A 88 -8.76 6.40 9.09
C ALA A 88 -9.56 6.96 7.92
N MET A 89 -9.03 6.83 6.71
CA MET A 89 -9.74 7.26 5.51
C MET A 89 -11.04 6.48 5.34
N VAL A 90 -10.98 5.17 5.52
CA VAL A 90 -12.16 4.31 5.44
C VAL A 90 -13.21 4.76 6.45
N ALA A 91 -12.78 5.08 7.67
CA ALA A 91 -13.71 5.55 8.70
C ALA A 91 -14.35 6.88 8.30
N ALA A 92 -13.55 7.78 7.71
CA ALA A 92 -14.08 9.05 7.25
C ALA A 92 -15.13 8.85 6.16
N PHE A 93 -14.95 7.87 5.30
CA PHE A 93 -15.94 7.59 4.29
C PHE A 93 -17.23 7.06 4.90
N LYS A 94 -17.11 6.11 5.82
N LYS A 94 -17.11 6.14 5.85
CA LYS A 94 -18.26 5.61 6.55
CA LYS A 94 -18.30 5.61 6.53
C LYS A 94 -19.02 6.73 7.21
C LYS A 94 -19.04 6.71 7.28
N ASN A 95 -18.32 7.67 7.84
CA ASN A 95 -18.92 8.76 8.61
C ASN A 95 -19.42 9.93 7.75
N GLY A 96 -19.14 9.93 6.44
CA GLY A 96 -19.51 11.04 5.59
C GLY A 96 -18.69 12.31 5.79
N ASP A 97 -17.46 12.17 6.27
CA ASP A 97 -16.60 13.32 6.56
C ASP A 97 -15.66 13.50 5.37
N ASP A 98 -16.14 14.23 4.36
CA ASP A 98 -15.34 14.41 3.15
C ASP A 98 -14.12 15.26 3.42
N ASP A 99 -14.17 16.19 4.37
CA ASP A 99 -12.97 16.95 4.72
C ASP A 99 -11.87 16.03 5.27
N SER A 100 -12.22 15.13 6.19
CA SER A 100 -11.20 14.22 6.70
C SER A 100 -10.76 13.25 5.60
N PHE A 101 -11.70 12.79 4.76
CA PHE A 101 -11.31 11.86 3.70
C PHE A 101 -10.25 12.48 2.80
N GLU A 102 -10.48 13.72 2.35
CA GLU A 102 -9.52 14.43 1.51
C GLU A 102 -8.16 14.56 2.20
N SER A 103 -8.16 14.95 3.48
CA SER A 103 -6.92 15.07 4.25
C SER A 103 -6.14 13.76 4.27
N TYR A 104 -6.78 12.69 4.76
CA TYR A 104 -6.15 11.38 4.80
C TYR A 104 -5.68 10.94 3.42
N LEU A 105 -6.41 11.29 2.36
N LEU A 105 -6.45 11.27 2.38
CA LEU A 105 -6.02 10.82 1.03
CA LEU A 105 -6.09 10.93 1.01
C LEU A 105 -4.68 11.42 0.60
C LEU A 105 -4.77 11.58 0.62
N GLN A 106 -4.53 12.73 0.75
N GLN A 106 -4.62 12.87 0.94
CA GLN A 106 -3.27 13.41 0.43
CA GLN A 106 -3.34 13.55 0.68
C GLN A 106 -2.13 12.88 1.30
C GLN A 106 -2.23 12.96 1.53
N ALA A 107 -2.40 12.71 2.60
N ALA A 107 -2.55 12.60 2.78
CA ALA A 107 -1.38 12.19 3.50
CA ALA A 107 -1.53 12.03 3.66
C ALA A 107 -0.92 10.81 3.05
C ALA A 107 -1.00 10.71 3.11
N LEU A 108 -1.85 9.95 2.64
N LEU A 108 -1.89 9.86 2.57
CA LEU A 108 -1.48 8.61 2.22
CA LEU A 108 -1.44 8.60 2.00
C LEU A 108 -0.62 8.66 0.95
C LEU A 108 -0.53 8.84 0.81
N GLU A 109 -0.93 9.61 0.05
N GLU A 109 -0.86 9.82 -0.03
CA GLU A 109 -0.12 9.83 -1.13
CA GLU A 109 -0.10 10.06 -1.24
C GLU A 109 1.31 10.24 -0.75
C GLU A 109 1.34 10.45 -0.92
N LYS A 110 1.46 11.16 0.20
N LYS A 110 1.55 11.20 0.16
CA LYS A 110 2.80 11.64 0.54
CA LYS A 110 2.91 11.60 0.53
C LYS A 110 3.61 10.57 1.26
C LYS A 110 3.67 10.44 1.19
N VAL A 111 2.97 9.81 2.14
N VAL A 111 3.01 9.68 2.05
CA VAL A 111 3.68 8.72 2.82
CA VAL A 111 3.68 8.54 2.68
C VAL A 111 4.17 7.69 1.80
C VAL A 111 4.02 7.48 1.65
N THR A 112 3.34 7.40 0.80
N THR A 112 3.12 7.27 0.69
CA THR A 112 3.69 6.39 -0.19
CA THR A 112 3.37 6.28 -0.35
C THR A 112 4.80 6.87 -1.11
C THR A 112 4.54 6.70 -1.24
N ALA A 113 4.71 8.12 -1.58
N ALA A 113 4.60 7.99 -1.60
CA ALA A 113 5.76 8.67 -2.42
CA ALA A 113 5.66 8.47 -2.46
C ALA A 113 7.10 8.72 -1.67
C ALA A 113 6.99 8.58 -1.73
N LYS A 114 7.08 9.04 -0.38
N LYS A 114 6.96 8.77 -0.42
CA LYS A 114 8.31 9.09 0.40
CA LYS A 114 8.21 8.88 0.34
C LYS A 114 8.98 7.73 0.47
C LYS A 114 8.91 7.54 0.44
N GLY A 115 8.19 6.68 0.65
N GLY A 115 8.15 6.46 0.62
CA GLY A 115 8.73 5.35 0.85
CA GLY A 115 8.72 5.12 0.68
C GLY A 115 9.28 4.68 -0.38
C GLY A 115 9.22 4.57 -0.64
N GLU A 116 9.30 5.36 -1.53
N GLU A 116 9.23 5.37 -1.71
CA GLU A 116 9.64 4.67 -2.77
CA GLU A 116 9.63 4.82 -3.00
C GLU A 116 11.14 4.49 -2.95
C GLU A 116 11.13 4.53 -3.04
N THR A 117 11.95 5.42 -2.48
CA THR A 117 13.39 5.22 -2.57
C THR A 117 13.81 4.00 -1.75
N LEU A 118 13.20 3.80 -0.58
CA LEU A 118 13.48 2.61 0.21
C LEU A 118 13.00 1.34 -0.50
N ALA A 119 11.81 1.38 -1.09
N ALA A 119 11.83 1.40 -1.12
CA ALA A 119 11.31 0.22 -1.81
CA ALA A 119 11.32 0.23 -1.83
C ALA A 119 12.29 -0.23 -2.88
C ALA A 119 12.28 -0.23 -2.91
N ASP A 120 12.85 0.72 -3.62
N ASP A 120 12.88 0.71 -3.64
CA ASP A 120 13.82 0.35 -4.65
CA ASP A 120 13.84 0.35 -4.66
C ASP A 120 15.11 -0.18 -4.04
C ASP A 120 15.15 -0.15 -4.06
N GLN A 121 15.53 0.35 -2.89
CA GLN A 121 16.73 -0.14 -2.22
C GLN A 121 16.59 -1.60 -1.81
N ILE A 122 15.39 -1.99 -1.39
CA ILE A 122 15.19 -3.35 -0.91
C ILE A 122 15.37 -4.33 -2.05
N ALA A 123 14.82 -4.01 -3.23
CA ALA A 123 14.97 -4.89 -4.37
C ALA A 123 16.44 -5.20 -4.63
N LYS A 124 17.29 -4.19 -4.50
N LYS A 124 17.30 -4.20 -4.50
CA LYS A 124 18.71 -4.40 -4.76
CA LYS A 124 18.72 -4.38 -4.76
C LYS A 124 19.39 -5.16 -3.65
C LYS A 124 19.43 -5.09 -3.62
N ALA A 125 18.84 -5.12 -2.42
CA ALA A 125 19.50 -5.73 -1.29
C ALA A 125 19.21 -7.21 -1.11
N LEU A 126 18.09 -7.70 -1.61
CA LEU A 126 17.69 -9.06 -1.30
C LEU A 126 18.55 -10.10 -2.01
#